data_3SI3
#
_entry.id   3SI3
#
_cell.length_a   70.100
_cell.length_b   71.400
_cell.length_c   72.300
_cell.angle_alpha   90.00
_cell.angle_beta   100.10
_cell.angle_gamma   90.00
#
_symmetry.space_group_name_H-M   'C 1 2 1'
#
loop_
_entity.id
_entity.type
_entity.pdbx_description
1 polymer 'Thrombin light chain'
2 polymer 'Thrombin heavy chain'
3 polymer 'Hirudin variant-2'
4 non-polymer 2-acetamido-2-deoxy-beta-D-glucopyranose
5 non-polymer 'SODIUM ION'
6 non-polymer GLYCEROL
7 non-polymer 'PHOSPHATE ION'
8 non-polymer D-phenylalanyl-N-(pyridin-2-ylmethyl)-L-prolinamide
9 water water
#
loop_
_entity_poly.entity_id
_entity_poly.type
_entity_poly.pdbx_seq_one_letter_code
_entity_poly.pdbx_strand_id
1 'polypeptide(L)' TFGSGEADCGLRPLFEKKSLEDKTERELLESYIDGR L
2 'polypeptide(L)'
;IVEGSDAEIGMSPWQVMLFRKSPQELLCGASLISDRWVLTAAHCLLYPPWDKNFTENDLLVRIGKHSRTRYERNIEKISM
LEKIYIHPRYNWRENLDRDIALMKLKKPVAFSDYIHPVCLPDRETAASLLQAGYKGRVTGWGNLKETWTANVGKGQPSVL
QVVNLPIVERPVCKDSTRIRITDNMFCAGYKPDEGKRGDACEGDSGGPFVMKSPFNNRWYQMGIVSWGEGCDRDGKYGFY
THVFRLKKWIQKVIDQFGE
;
H
3 'polypeptide(L)' NGDFEEIPEE(TYS)LQ I
#
loop_
_chem_comp.id
_chem_comp.type
_chem_comp.name
_chem_comp.formula
B03 peptide-like D-phenylalanyl-N-(pyridin-2-ylmethyl)-L-prolinamide 'C20 H24 N4 O2'
GOL non-polymer GLYCEROL 'C3 H8 O3'
NA non-polymer 'SODIUM ION' 'Na 1'
NAG D-saccharide, beta linking 2-acetamido-2-deoxy-beta-D-glucopyranose 'C8 H15 N O6'
PO4 non-polymer 'PHOSPHATE ION' 'O4 P -3'
#
# COMPACT_ATOMS: atom_id res chain seq x y z
N GLU A 6 7.63 -5.04 -14.59
CA GLU A 6 8.08 -4.36 -15.80
C GLU A 6 9.55 -3.97 -15.68
N ALA A 7 10.22 -3.86 -16.82
CA ALA A 7 11.63 -3.50 -16.84
C ALA A 7 11.86 -2.15 -16.18
N ASP A 8 10.84 -1.29 -16.20
CA ASP A 8 10.96 0.07 -15.71
C ASP A 8 10.33 0.26 -14.32
N CYS A 9 9.97 -0.85 -13.68
CA CYS A 9 9.29 -0.74 -12.39
C CYS A 9 10.13 0.03 -11.37
N GLY A 10 9.43 0.73 -10.49
CA GLY A 10 10.08 1.37 -9.35
C GLY A 10 10.93 2.57 -9.67
N LEU A 11 10.89 3.06 -10.90
CA LEU A 11 11.61 4.28 -11.26
C LEU A 11 10.56 5.35 -11.58
N ARG A 12 10.46 6.35 -10.71
CA ARG A 12 9.37 7.34 -10.85
C ARG A 12 9.66 8.37 -11.93
N PRO A 13 8.66 8.63 -12.79
CA PRO A 13 8.85 9.61 -13.86
C PRO A 13 9.30 10.97 -13.33
N LEU A 14 8.77 11.41 -12.19
CA LEU A 14 9.09 12.75 -11.71
C LEU A 14 10.27 12.82 -10.75
N PHE A 15 10.88 11.66 -10.48
CA PHE A 15 12.00 11.60 -9.56
C PHE A 15 13.17 10.84 -10.16
N GLU A 16 13.22 9.52 -10.00
CA GLU A 16 14.37 8.76 -10.53
C GLU A 16 14.61 9.00 -12.02
N LYS A 17 13.56 9.06 -12.83
CA LYS A 17 13.73 9.22 -14.27
CA LYS A 17 13.71 9.23 -14.27
C LYS A 17 14.38 10.55 -14.64
N LYS A 18 14.23 11.55 -13.77
CA LYS A 18 14.82 12.88 -14.02
C LYS A 18 15.99 13.16 -13.08
N SER A 19 16.44 12.15 -12.35
CA SER A 19 17.43 12.32 -11.30
C SER A 19 17.10 13.45 -10.31
N LEU A 20 15.86 13.46 -9.84
CA LEU A 20 15.44 14.35 -8.75
C LEU A 20 15.09 13.50 -7.54
N GLU A 21 15.48 13.98 -6.36
CA GLU A 21 15.15 13.26 -5.13
C GLU A 21 13.95 13.89 -4.46
N ASP A 22 13.11 13.06 -3.84
CA ASP A 22 12.02 13.58 -3.03
C ASP A 22 12.56 14.04 -1.67
N LYS A 23 11.71 14.73 -0.91
CA LYS A 23 12.16 15.42 0.30
C LYS A 23 12.63 14.51 1.45
N THR A 24 12.21 13.25 1.45
CA THR A 24 12.56 12.39 2.58
C THR A 24 13.16 11.04 2.23
N GLU A 25 13.42 10.77 0.96
CA GLU A 25 14.00 9.47 0.62
C GLU A 25 15.37 9.25 1.26
N ARG A 26 16.09 10.34 1.51
CA ARG A 26 17.40 10.22 2.14
C ARG A 26 17.30 9.61 3.54
N GLU A 27 16.18 9.84 4.23
CA GLU A 27 15.92 9.22 5.54
C GLU A 27 15.97 7.70 5.41
N LEU A 28 15.41 7.17 4.33
CA LEU A 28 15.42 5.73 4.11
C LEU A 28 16.86 5.26 3.88
N LEU A 29 17.57 5.92 2.98
CA LEU A 29 18.94 5.54 2.64
C LEU A 29 19.82 5.51 3.89
N GLU A 30 19.68 6.54 4.72
CA GLU A 30 20.49 6.62 5.94
C GLU A 30 20.26 5.46 6.90
N SER A 31 19.09 4.84 6.82
CA SER A 31 18.78 3.72 7.72
C SER A 31 19.33 2.41 7.20
N TYR A 32 19.76 2.38 5.94
CA TYR A 32 20.20 1.12 5.33
C TYR A 32 21.68 0.97 5.60
N ILE A 33 21.99 0.44 6.78
CA ILE A 33 23.37 0.39 7.27
C ILE A 33 23.98 -0.98 7.04
N ILE B 1 -3.12 8.02 7.48
CA ILE B 1 -1.74 8.10 7.97
C ILE B 1 -1.67 9.11 9.13
N VAL B 2 -1.15 8.66 10.27
CA VAL B 2 -1.00 9.51 11.45
C VAL B 2 0.43 10.04 11.54
N GLU B 3 0.56 11.34 11.81
CA GLU B 3 1.86 12.00 11.95
C GLU B 3 2.73 11.91 10.69
N GLY B 4 2.08 11.88 9.53
CA GLY B 4 2.82 11.97 8.27
C GLY B 4 2.79 13.37 7.71
N SER B 5 3.07 13.47 6.41
CA SER B 5 3.07 14.75 5.70
CA SER B 5 3.05 14.74 5.71
C SER B 5 2.42 14.60 4.34
N ASP B 6 2.09 15.72 3.71
CA ASP B 6 1.57 15.70 2.36
C ASP B 6 2.60 15.09 1.41
N ALA B 7 2.15 14.17 0.56
CA ALA B 7 3.02 13.62 -0.47
C ALA B 7 3.38 14.71 -1.48
N GLU B 8 4.54 14.56 -2.11
CA GLU B 8 4.85 15.40 -3.27
C GLU B 8 4.11 14.85 -4.50
N ILE B 9 3.90 15.71 -5.50
CA ILE B 9 3.31 15.27 -6.75
C ILE B 9 4.18 14.18 -7.39
N GLY B 10 3.56 13.05 -7.72
CA GLY B 10 4.26 11.95 -8.38
C GLY B 10 5.18 11.16 -7.47
N MET B 11 5.05 11.36 -6.16
CA MET B 11 5.95 10.73 -5.21
C MET B 11 5.69 9.23 -5.08
N SER B 12 4.43 8.84 -5.30
CA SER B 12 4.01 7.47 -5.13
CA SER B 12 4.03 7.45 -5.15
C SER B 12 3.10 7.09 -6.31
N PRO B 13 3.66 7.00 -7.52
CA PRO B 13 2.83 6.86 -8.73
C PRO B 13 2.18 5.49 -8.88
N TRP B 14 2.57 4.55 -8.02
CA TRP B 14 1.93 3.24 -7.95
C TRP B 14 0.75 3.24 -6.97
N GLN B 15 0.51 4.35 -6.27
CA GLN B 15 -0.58 4.34 -5.29
CA GLN B 15 -0.59 4.42 -5.32
C GLN B 15 -1.93 4.23 -6.00
N VAL B 16 -2.78 3.35 -5.47
CA VAL B 16 -4.10 3.15 -6.03
C VAL B 16 -5.11 3.37 -4.93
N MET B 17 -6.26 3.96 -5.29
CA MET B 17 -7.41 4.07 -4.40
C MET B 17 -8.46 3.05 -4.80
N LEU B 18 -8.86 2.19 -3.86
CA LEU B 18 -10.00 1.31 -4.07
C LEU B 18 -11.25 2.10 -3.70
N PHE B 19 -12.18 2.21 -4.63
CA PHE B 19 -13.31 3.13 -4.48
C PHE B 19 -14.63 2.39 -4.62
N ARG B 20 -15.50 2.53 -3.62
CA ARG B 20 -16.84 1.92 -3.67
C ARG B 20 -17.72 2.68 -4.65
N LYS B 21 -18.47 1.96 -5.48
CA LYS B 21 -19.32 2.61 -6.49
C LYS B 21 -20.56 3.28 -5.88
N SER B 22 -21.21 2.60 -4.95
CA SER B 22 -22.39 3.16 -4.29
C SER B 22 -22.54 2.62 -2.89
N PRO B 23 -22.48 3.51 -1.88
CA PRO B 23 -22.21 4.94 -2.05
C PRO B 23 -20.75 5.17 -2.40
N GLN B 24 -20.49 6.25 -3.12
CA GLN B 24 -19.13 6.60 -3.52
C GLN B 24 -18.30 6.95 -2.30
N GLU B 25 -17.28 6.12 -2.01
CA GLU B 25 -16.45 6.32 -0.83
C GLU B 25 -15.13 5.58 -0.96
N LEU B 26 -14.14 6.03 -0.20
CA LEU B 26 -12.84 5.34 -0.16
C LEU B 26 -13.01 4.03 0.57
N LEU B 27 -12.50 2.95 -0.01
CA LEU B 27 -12.53 1.66 0.67
C LEU B 27 -11.18 1.26 1.24
N CYS B 28 -10.12 1.54 0.50
CA CYS B 28 -8.79 1.04 0.84
C CYS B 28 -7.77 1.64 -0.08
N GLY B 29 -6.50 1.47 0.30
CA GLY B 29 -5.38 1.66 -0.61
C GLY B 29 -5.07 0.38 -1.36
N ALA B 30 -4.15 0.50 -2.31
CA ALA B 30 -3.72 -0.61 -3.16
C ALA B 30 -2.52 -0.10 -3.95
N SER B 31 -1.93 -0.95 -4.79
CA SER B 31 -0.76 -0.54 -5.54
C SER B 31 -0.77 -1.11 -6.94
N LEU B 32 -0.17 -0.39 -7.87
CA LEU B 32 -0.07 -0.80 -9.26
C LEU B 32 1.21 -1.60 -9.48
N ILE B 33 1.09 -2.84 -9.93
CA ILE B 33 2.27 -3.67 -10.15
C ILE B 33 2.55 -3.99 -11.62
N SER B 34 1.60 -3.67 -12.49
CA SER B 34 1.79 -3.78 -13.93
C SER B 34 0.68 -2.98 -14.57
N ASP B 35 0.57 -2.99 -15.89
CA ASP B 35 -0.48 -2.19 -16.50
C ASP B 35 -1.87 -2.81 -16.33
N ARG B 36 -1.94 -4.02 -15.78
CA ARG B 36 -3.19 -4.76 -15.70
CA ARG B 36 -3.21 -4.73 -15.68
C ARG B 36 -3.47 -5.30 -14.30
N TRP B 37 -2.51 -5.18 -13.38
CA TRP B 37 -2.64 -5.81 -12.07
C TRP B 37 -2.45 -4.87 -10.89
N VAL B 38 -3.36 -4.97 -9.93
CA VAL B 38 -3.35 -4.17 -8.73
C VAL B 38 -3.30 -5.08 -7.50
N LEU B 39 -2.43 -4.73 -6.56
CA LEU B 39 -2.21 -5.50 -5.34
C LEU B 39 -2.85 -4.79 -4.15
N THR B 40 -3.53 -5.55 -3.30
CA THR B 40 -4.12 -4.98 -2.08
C THR B 40 -4.15 -6.02 -0.95
N ALA B 41 -4.75 -5.64 0.18
CA ALA B 41 -4.98 -6.57 1.28
C ALA B 41 -6.28 -7.33 1.03
N ALA B 42 -6.28 -8.63 1.34
CA ALA B 42 -7.50 -9.43 1.24
C ALA B 42 -8.63 -8.86 2.09
N HIS B 43 -8.31 -8.35 3.28
CA HIS B 43 -9.36 -7.84 4.15
C HIS B 43 -10.07 -6.60 3.60
N CYS B 44 -9.49 -5.95 2.59
CA CYS B 44 -10.15 -4.85 1.90
C CYS B 44 -11.33 -5.36 1.07
N LEU B 45 -11.30 -6.64 0.75
CA LEU B 45 -12.33 -7.23 -0.12
C LEU B 45 -13.19 -8.25 0.59
N LEU B 46 -12.61 -8.97 1.54
CA LEU B 46 -13.32 -10.06 2.22
C LEU B 46 -13.02 -10.02 3.69
N TYR B 47 -14.05 -9.74 4.48
CA TYR B 47 -13.91 -9.83 5.93
C TYR B 47 -15.28 -10.11 6.54
N PRO B 48 -15.65 -11.40 6.58
CA PRO B 48 -16.95 -11.82 7.07
C PRO B 48 -17.40 -11.28 8.44
N PRO B 49 -16.47 -11.13 9.39
CA PRO B 49 -16.90 -10.59 10.70
C PRO B 49 -17.56 -9.21 10.60
N TRP B 50 -17.22 -8.44 9.58
CA TRP B 50 -17.83 -7.14 9.34
C TRP B 50 -18.80 -7.16 8.15
N ASP B 51 -19.26 -8.34 7.78
CA ASP B 51 -20.17 -8.49 6.63
C ASP B 51 -19.61 -7.88 5.36
N LYS B 52 -18.30 -8.00 5.16
CA LYS B 52 -17.65 -7.47 3.96
C LYS B 52 -17.31 -8.59 2.99
N ASN B 53 -17.82 -8.48 1.77
CA ASN B 53 -17.52 -9.43 0.72
C ASN B 53 -17.83 -8.78 -0.59
N PHE B 54 -16.89 -7.99 -1.10
CA PHE B 54 -17.11 -7.25 -2.33
C PHE B 54 -16.91 -8.13 -3.56
N THR B 55 -17.70 -7.88 -4.59
CA THR B 55 -17.53 -8.53 -5.87
C THR B 55 -16.96 -7.49 -6.85
N GLU B 56 -16.48 -7.94 -8.00
CA GLU B 56 -15.86 -7.05 -8.99
C GLU B 56 -16.69 -5.80 -9.28
N ASN B 57 -17.99 -5.97 -9.45
CA ASN B 57 -18.82 -4.87 -9.91
C ASN B 57 -19.18 -3.85 -8.82
N ASP B 58 -18.78 -4.12 -7.59
CA ASP B 58 -19.01 -3.18 -6.49
C ASP B 58 -17.97 -2.06 -6.49
N LEU B 59 -16.86 -2.28 -7.21
CA LEU B 59 -15.66 -1.48 -7.00
C LEU B 59 -15.09 -0.83 -8.25
N LEU B 60 -14.31 0.23 -8.02
CA LEU B 60 -13.49 0.83 -9.05
C LEU B 60 -12.11 1.02 -8.45
N VAL B 61 -11.09 1.12 -9.29
CA VAL B 61 -9.79 1.58 -8.79
C VAL B 61 -9.47 2.91 -9.46
N ARG B 62 -8.87 3.82 -8.69
CA ARG B 62 -8.54 5.15 -9.18
C ARG B 62 -7.03 5.29 -9.04
N ILE B 63 -6.38 5.55 -10.17
CA ILE B 63 -4.93 5.50 -10.24
C ILE B 63 -4.42 6.89 -10.65
N GLY B 64 -3.27 7.28 -10.11
CA GLY B 64 -2.68 8.57 -10.43
C GLY B 64 -3.16 9.72 -9.56
N LYS B 65 -3.78 9.41 -8.44
CA LYS B 65 -4.41 10.43 -7.61
C LYS B 65 -3.47 11.11 -6.62
N HIS B 66 -3.86 12.31 -6.23
CA HIS B 66 -3.19 13.06 -5.18
C HIS B 66 -4.25 13.54 -4.19
N SER B 67 -5.18 14.36 -4.66
CA SER B 67 -6.30 14.76 -3.83
C SER B 67 -7.12 13.54 -3.42
N ARG B 68 -7.55 13.50 -2.17
CA ARG B 68 -8.42 12.43 -1.69
C ARG B 68 -9.79 12.47 -2.36
N THR B 69 -10.45 13.63 -2.32
CA THR B 69 -11.87 13.69 -2.70
C THR B 69 -12.16 14.20 -4.11
N ARG B 70 -11.25 14.97 -4.68
N ARG B 70 -11.25 14.98 -4.68
CA ARG B 70 -11.52 15.62 -5.97
CA ARG B 70 -11.48 15.60 -5.99
C ARG B 70 -11.33 14.69 -7.16
C ARG B 70 -11.45 14.56 -7.10
N TYR B 71 -12.18 14.85 -8.18
CA TYR B 71 -12.00 14.12 -9.42
C TYR B 71 -10.92 14.87 -10.21
N GLU B 72 -9.76 14.23 -10.35
CA GLU B 72 -8.57 14.89 -10.85
C GLU B 72 -8.47 14.74 -12.36
N ARG B 73 -9.33 15.52 -13.02
CA ARG B 73 -9.49 15.51 -14.46
C ARG B 73 -8.15 15.61 -15.18
N ASN B 74 -7.97 14.77 -16.20
CA ASN B 74 -6.74 14.76 -17.02
C ASN B 74 -5.51 14.17 -16.33
N ILE B 75 -5.69 13.68 -15.12
CA ILE B 75 -4.56 13.17 -14.34
C ILE B 75 -4.85 11.76 -13.86
N GLU B 76 -5.90 11.59 -13.07
CA GLU B 76 -6.23 10.25 -12.60
C GLU B 76 -6.92 9.45 -13.70
N LYS B 77 -6.83 8.13 -13.58
CA LYS B 77 -7.50 7.22 -14.46
C LYS B 77 -8.28 6.24 -13.60
N ILE B 78 -9.50 5.94 -14.05
CA ILE B 78 -10.42 5.10 -13.29
C ILE B 78 -10.64 3.80 -14.06
N SER B 79 -10.46 2.67 -13.38
CA SER B 79 -10.51 1.36 -14.02
CA SER B 79 -10.53 1.38 -14.03
C SER B 79 -11.55 0.45 -13.38
N MET B 80 -12.24 -0.32 -14.22
CA MET B 80 -13.15 -1.34 -13.72
C MET B 80 -12.36 -2.62 -13.49
N LEU B 81 -12.89 -3.48 -12.62
CA LEU B 81 -12.24 -4.75 -12.30
C LEU B 81 -12.78 -5.89 -13.15
N GLU B 82 -11.86 -6.68 -13.70
CA GLU B 82 -12.23 -7.91 -14.39
C GLU B 82 -12.43 -9.06 -13.40
N LYS B 83 -11.47 -9.22 -12.49
CA LYS B 83 -11.50 -10.33 -11.55
C LYS B 83 -10.70 -10.04 -10.29
N ILE B 84 -11.22 -10.52 -9.17
CA ILE B 84 -10.56 -10.46 -7.87
C ILE B 84 -10.02 -11.85 -7.54
N TYR B 85 -8.78 -11.91 -7.04
CA TYR B 85 -8.18 -13.15 -6.57
C TYR B 85 -7.71 -12.97 -5.14
N ILE B 86 -8.27 -13.76 -4.23
CA ILE B 86 -7.87 -13.70 -2.83
C ILE B 86 -7.00 -14.91 -2.52
N HIS B 87 -5.95 -14.72 -1.73
CA HIS B 87 -5.12 -15.86 -1.36
C HIS B 87 -5.99 -16.98 -0.78
N PRO B 88 -5.80 -18.21 -1.29
CA PRO B 88 -6.67 -19.32 -0.84
C PRO B 88 -6.51 -19.68 0.62
N ARG B 89 -5.40 -19.27 1.24
CA ARG B 89 -5.21 -19.53 2.67
C ARG B 89 -5.24 -18.25 3.52
N TYR B 90 -5.83 -17.19 2.97
CA TYR B 90 -6.09 -15.99 3.76
C TYR B 90 -6.89 -16.35 5.01
N ASN B 91 -6.36 -16.01 6.17
CA ASN B 91 -6.98 -16.38 7.44
C ASN B 91 -7.75 -15.20 8.03
N TRP B 92 -8.98 -15.01 7.55
CA TRP B 92 -9.80 -13.94 8.12
C TRP B 92 -10.40 -14.35 9.45
N ARG B 93 -10.37 -15.63 9.78
CA ARG B 93 -11.00 -16.08 11.02
CA ARG B 93 -11.00 -16.11 11.01
C ARG B 93 -10.21 -15.69 12.26
N GLU B 94 -8.89 -15.69 12.15
CA GLU B 94 -8.04 -15.50 13.33
C GLU B 94 -7.20 -14.22 13.33
N ASN B 95 -6.20 -14.15 12.46
CA ASN B 95 -5.14 -13.15 12.60
C ASN B 95 -4.73 -12.45 11.30
N LEU B 96 -5.55 -12.58 10.26
CA LEU B 96 -5.24 -11.99 8.94
C LEU B 96 -3.96 -12.56 8.32
N ASP B 97 -3.60 -13.79 8.67
CA ASP B 97 -2.47 -14.44 8.00
C ASP B 97 -2.70 -14.48 6.48
N ARG B 98 -1.66 -14.15 5.71
CA ARG B 98 -1.70 -14.16 4.24
C ARG B 98 -2.73 -13.15 3.73
N ASP B 99 -2.64 -11.93 4.24
CA ASP B 99 -3.61 -10.87 3.93
C ASP B 99 -3.25 -10.21 2.61
N ILE B 100 -3.61 -10.88 1.51
CA ILE B 100 -3.16 -10.42 0.20
C ILE B 100 -4.21 -10.78 -0.85
N ALA B 101 -4.38 -9.88 -1.82
CA ALA B 101 -5.31 -10.10 -2.92
C ALA B 101 -4.81 -9.37 -4.16
N LEU B 102 -5.14 -9.92 -5.32
CA LEU B 102 -4.88 -9.27 -6.60
C LEU B 102 -6.17 -8.90 -7.30
N MET B 103 -6.13 -7.80 -8.06
CA MET B 103 -7.25 -7.41 -8.90
C MET B 103 -6.75 -7.18 -10.31
N LYS B 104 -7.36 -7.88 -11.26
CA LYS B 104 -7.01 -7.72 -12.67
C LYS B 104 -7.94 -6.68 -13.29
N LEU B 105 -7.36 -5.69 -13.96
CA LEU B 105 -8.15 -4.61 -14.58
C LEU B 105 -8.80 -5.07 -15.88
N LYS B 106 -9.98 -4.54 -16.19
CA LYS B 106 -10.65 -4.90 -17.42
C LYS B 106 -9.81 -4.50 -18.63
N LYS B 107 -9.14 -3.35 -18.52
CA LYS B 107 -8.28 -2.84 -19.58
C LYS B 107 -6.98 -2.29 -18.99
N PRO B 108 -5.88 -2.41 -19.74
CA PRO B 108 -4.61 -1.86 -19.24
C PRO B 108 -4.68 -0.35 -19.04
N VAL B 109 -4.03 0.13 -17.99
CA VAL B 109 -4.00 1.56 -17.71
C VAL B 109 -2.76 2.14 -18.40
N ALA B 110 -2.89 3.36 -18.91
CA ALA B 110 -1.77 4.03 -19.54
C ALA B 110 -0.86 4.63 -18.49
N PHE B 111 0.44 4.33 -18.59
CA PHE B 111 1.40 4.94 -17.67
C PHE B 111 1.57 6.43 -18.01
N SER B 112 1.96 7.23 -17.02
CA SER B 112 2.13 8.66 -17.19
C SER B 112 3.09 9.18 -16.13
N ASP B 113 3.28 10.49 -16.03
CA ASP B 113 4.08 11.03 -14.94
C ASP B 113 3.54 10.66 -13.56
N TYR B 114 2.23 10.39 -13.48
CA TYR B 114 1.53 10.19 -12.21
C TYR B 114 1.13 8.73 -11.97
N ILE B 115 1.37 7.89 -12.98
CA ILE B 115 0.93 6.49 -12.96
C ILE B 115 2.07 5.58 -13.42
N HIS B 116 2.56 4.73 -12.52
CA HIS B 116 3.74 3.94 -12.84
C HIS B 116 3.86 2.82 -11.82
N PRO B 117 4.25 1.62 -12.27
CA PRO B 117 4.24 0.48 -11.34
C PRO B 117 5.45 0.40 -10.41
N VAL B 118 5.20 -0.15 -9.22
CA VAL B 118 6.26 -0.46 -8.25
C VAL B 118 6.82 -1.86 -8.54
N CYS B 119 8.06 -2.11 -8.13
CA CYS B 119 8.64 -3.46 -8.28
C CYS B 119 8.21 -4.37 -7.13
N LEU B 120 8.12 -5.67 -7.40
CA LEU B 120 8.01 -6.66 -6.32
C LEU B 120 9.41 -7.20 -6.02
N PRO B 121 9.71 -7.44 -4.74
CA PRO B 121 11.05 -7.85 -4.35
C PRO B 121 11.39 -9.28 -4.76
N ASP B 122 12.66 -9.46 -5.13
CA ASP B 122 13.26 -10.78 -5.28
C ASP B 122 13.78 -11.19 -3.92
N ARG B 123 14.18 -12.46 -3.78
CA ARG B 123 14.66 -12.99 -2.51
C ARG B 123 15.82 -12.19 -1.93
N GLU B 124 16.77 -11.82 -2.79
CA GLU B 124 17.96 -11.10 -2.35
C GLU B 124 17.66 -9.69 -1.84
N THR B 125 16.81 -8.97 -2.54
CA THR B 125 16.44 -7.63 -2.12
C THR B 125 15.68 -7.70 -0.79
N ALA B 126 14.81 -8.69 -0.66
CA ALA B 126 14.06 -8.90 0.57
C ALA B 126 15.00 -9.20 1.73
N ALA B 127 15.93 -10.12 1.51
CA ALA B 127 16.87 -10.51 2.56
C ALA B 127 17.73 -9.31 2.98
N SER B 128 18.12 -8.50 2.00
CA SER B 128 19.00 -7.37 2.27
CA SER B 128 18.99 -7.37 2.26
C SER B 128 18.30 -6.24 3.02
N LEU B 129 17.05 -5.96 2.65
CA LEU B 129 16.36 -4.79 3.17
C LEU B 129 15.40 -5.01 4.35
N LEU B 130 14.88 -6.22 4.49
CA LEU B 130 13.91 -6.47 5.57
C LEU B 130 14.62 -6.76 6.86
N GLN B 131 15.21 -5.71 7.44
CA GLN B 131 16.02 -5.83 8.64
C GLN B 131 15.56 -4.80 9.64
N ALA B 132 15.57 -5.17 10.93
CA ALA B 132 15.14 -4.25 11.96
C ALA B 132 15.95 -2.96 11.90
N GLY B 133 15.28 -1.82 11.98
CA GLY B 133 15.94 -0.54 11.89
C GLY B 133 15.86 0.09 10.50
N TYR B 134 15.79 -0.74 9.47
CA TYR B 134 15.70 -0.22 8.10
C TYR B 134 14.33 0.38 7.88
N LYS B 135 14.27 1.56 7.28
CA LYS B 135 12.99 2.24 7.12
C LYS B 135 12.32 1.99 5.77
N GLY B 136 10.99 1.87 5.80
CA GLY B 136 10.19 1.87 4.59
C GLY B 136 9.24 3.04 4.64
N ARG B 137 8.38 3.14 3.64
CA ARG B 137 7.50 4.30 3.49
C ARG B 137 6.09 3.80 3.24
N VAL B 138 5.14 4.37 3.97
CA VAL B 138 3.73 4.02 3.84
C VAL B 138 2.98 5.23 3.36
N THR B 139 2.04 5.02 2.44
CA THR B 139 1.28 6.12 1.88
C THR B 139 -0.20 5.77 1.87
N GLY B 140 -1.05 6.79 2.00
CA GLY B 140 -2.48 6.54 1.97
C GLY B 140 -3.34 7.76 2.25
N TRP B 141 -4.63 7.58 2.01
CA TRP B 141 -5.62 8.64 2.27
C TRP B 141 -6.46 8.37 3.51
N GLY B 142 -5.98 7.47 4.36
CA GLY B 142 -6.70 7.08 5.57
C GLY B 142 -6.72 8.14 6.64
N ASN B 143 -7.36 7.83 7.75
CA ASN B 143 -7.52 8.79 8.84
C ASN B 143 -6.20 9.35 9.37
N LEU B 144 -6.23 10.62 9.76
CA LEU B 144 -5.06 11.29 10.32
C LEU B 144 -4.90 11.01 11.82
N LYS B 145 -5.93 10.44 12.44
CA LYS B 145 -5.93 10.15 13.87
C LYS B 145 -6.84 8.98 14.16
N GLU B 146 -6.55 8.25 15.23
CA GLU B 146 -7.36 7.09 15.57
C GLU B 146 -8.81 7.50 15.84
N THR B 147 -8.98 8.60 16.55
CA THR B 147 -10.31 9.13 16.83
C THR B 147 -10.33 10.64 16.67
N GLY B 155 -9.40 15.16 10.73
CA GLY B 155 -9.76 13.75 10.70
C GLY B 155 -9.32 13.04 9.43
N GLN B 156 -9.60 13.64 8.28
CA GLN B 156 -9.26 13.04 6.99
C GLN B 156 -8.49 14.03 6.12
N PRO B 157 -7.50 13.53 5.36
CA PRO B 157 -6.57 14.43 4.67
C PRO B 157 -7.12 14.98 3.36
N SER B 158 -6.65 16.15 2.97
CA SER B 158 -7.02 16.71 1.68
CA SER B 158 -7.00 16.72 1.68
C SER B 158 -6.27 15.98 0.55
N VAL B 159 -5.01 15.62 0.80
CA VAL B 159 -4.23 14.92 -0.20
C VAL B 159 -3.48 13.73 0.39
N LEU B 160 -2.95 12.90 -0.50
CA LEU B 160 -2.20 11.71 -0.11
C LEU B 160 -1.15 12.02 0.96
N GLN B 161 -1.08 11.16 1.98
CA GLN B 161 -0.12 11.33 3.08
C GLN B 161 1.00 10.30 2.98
N VAL B 162 2.16 10.66 3.53
CA VAL B 162 3.33 9.81 3.48
CA VAL B 162 3.33 9.80 3.49
C VAL B 162 3.98 9.77 4.87
N VAL B 163 4.49 8.61 5.27
CA VAL B 163 5.28 8.51 6.49
C VAL B 163 6.34 7.42 6.32
N ASN B 164 7.54 7.70 6.84
CA ASN B 164 8.63 6.73 6.82
C ASN B 164 8.73 6.09 8.20
N LEU B 165 8.82 4.76 8.25
CA LEU B 165 8.79 4.02 9.51
C LEU B 165 9.81 2.90 9.51
N PRO B 166 10.50 2.69 10.64
CA PRO B 166 11.47 1.59 10.74
C PRO B 166 10.84 0.22 10.97
N ILE B 167 11.37 -0.80 10.31
CA ILE B 167 11.02 -2.18 10.59
C ILE B 167 11.46 -2.51 12.01
N VAL B 168 10.63 -3.27 12.71
CA VAL B 168 10.86 -3.60 14.12
C VAL B 168 11.29 -5.06 14.33
N GLU B 169 12.15 -5.29 15.33
CA GLU B 169 12.60 -6.62 15.68
C GLU B 169 11.41 -7.55 15.93
N ARG B 170 11.46 -8.77 15.41
CA ARG B 170 10.32 -9.69 15.52
CA ARG B 170 10.30 -9.67 15.52
C ARG B 170 9.86 -9.96 16.96
N PRO B 171 10.81 -10.13 17.91
CA PRO B 171 10.35 -10.36 19.29
C PRO B 171 9.58 -9.15 19.85
N VAL B 172 9.94 -7.94 19.45
CA VAL B 172 9.24 -6.75 19.89
C VAL B 172 7.84 -6.70 19.29
N CYS B 173 7.74 -7.02 17.99
CA CYS B 173 6.43 -7.16 17.37
C CYS B 173 5.55 -8.13 18.16
N LYS B 174 6.11 -9.29 18.45
CA LYS B 174 5.35 -10.36 19.11
C LYS B 174 4.90 -9.92 20.50
N ASP B 175 5.79 -9.26 21.22
CA ASP B 175 5.52 -8.86 22.60
C ASP B 175 4.61 -7.64 22.73
N SER B 176 4.25 -7.03 21.61
CA SER B 176 3.40 -5.84 21.64
C SER B 176 1.90 -6.19 21.60
N THR B 177 1.58 -7.46 21.36
CA THR B 177 0.21 -7.82 21.01
C THR B 177 -0.13 -9.22 21.49
N ARG B 178 -1.42 -9.51 21.66
CA ARG B 178 -1.86 -10.86 21.99
C ARG B 178 -2.20 -11.68 20.74
N ILE B 179 -2.30 -11.00 19.60
CA ILE B 179 -2.60 -11.66 18.33
C ILE B 179 -1.42 -12.50 17.88
N ARG B 180 -1.70 -13.68 17.34
CA ARG B 180 -0.63 -14.57 16.91
C ARG B 180 0.01 -14.07 15.61
N ILE B 181 1.29 -13.74 15.66
CA ILE B 181 2.04 -13.26 14.51
CA ILE B 181 1.95 -13.28 14.45
C ILE B 181 2.60 -14.45 13.72
N THR B 182 2.73 -14.30 12.40
CA THR B 182 3.32 -15.35 11.57
C THR B 182 4.45 -14.80 10.70
N ASP B 183 5.18 -15.71 10.06
CA ASP B 183 6.25 -15.35 9.15
C ASP B 183 5.74 -14.56 7.93
N ASN B 184 4.43 -14.55 7.70
CA ASN B 184 3.88 -13.83 6.55
C ASN B 184 3.56 -12.39 6.91
N MET B 185 4.03 -11.96 8.08
CA MET B 185 3.81 -10.59 8.58
C MET B 185 5.13 -9.99 9.05
N PHE B 186 5.24 -8.67 8.99
CA PHE B 186 6.28 -7.98 9.74
C PHE B 186 5.67 -6.74 10.35
N CYS B 187 6.34 -6.14 11.33
CA CYS B 187 5.78 -4.93 11.90
C CYS B 187 6.74 -3.76 11.79
N ALA B 188 6.20 -2.55 11.84
CA ALA B 188 7.00 -1.34 11.69
C ALA B 188 6.44 -0.19 12.52
N GLY B 189 7.31 0.72 12.88
CA GLY B 189 6.92 1.87 13.67
C GLY B 189 7.99 2.20 14.69
N TYR B 190 7.90 3.39 15.25
CA TYR B 190 8.82 3.81 16.29
C TYR B 190 8.42 3.26 17.66
N LYS B 191 9.43 3.04 18.50
CA LYS B 191 9.21 2.64 19.89
C LYS B 191 8.92 3.89 20.72
N PRO B 192 8.28 3.71 21.88
CA PRO B 192 7.93 4.85 22.75
C PRO B 192 9.14 5.74 23.06
N ASP B 193 10.31 5.13 23.23
CA ASP B 193 11.51 5.87 23.62
C ASP B 193 12.15 6.63 22.46
N GLU B 194 11.76 6.31 21.22
CA GLU B 194 12.42 6.86 20.04
C GLU B 194 12.01 8.29 19.70
N GLY B 195 10.96 8.80 20.34
CA GLY B 195 10.54 10.17 20.11
C GLY B 195 9.64 10.35 18.89
N LYS B 196 10.17 10.08 17.71
CA LYS B 196 9.39 10.17 16.48
C LYS B 196 8.20 9.22 16.53
N ARG B 197 7.16 9.50 15.74
CA ARG B 197 6.01 8.59 15.69
C ARG B 197 5.45 8.50 14.28
N GLY B 198 4.26 7.93 14.14
CA GLY B 198 3.66 7.70 12.84
C GLY B 198 3.12 6.29 12.67
N ASP B 199 2.08 6.15 11.87
CA ASP B 199 1.45 4.85 11.67
C ASP B 199 0.46 4.98 10.52
N ALA B 200 0.05 3.83 9.99
CA ALA B 200 -1.11 3.75 9.12
C ALA B 200 -2.35 3.84 10.00
N CYS B 201 -3.49 4.07 9.37
CA CYS B 201 -4.75 4.06 10.09
C CYS B 201 -5.87 3.63 9.13
N GLU B 202 -7.09 3.49 9.66
CA GLU B 202 -8.26 3.13 8.86
C GLU B 202 -8.29 3.88 7.52
N GLY B 203 -8.44 3.14 6.42
CA GLY B 203 -8.45 3.75 5.09
C GLY B 203 -7.13 3.61 4.36
N ASP B 204 -6.04 3.44 5.11
CA ASP B 204 -4.72 3.15 4.53
C ASP B 204 -4.55 1.66 4.19
N SER B 205 -5.36 0.83 4.83
CA SER B 205 -5.48 -0.60 4.55
C SER B 205 -5.26 -0.95 3.12
N GLY B 206 -4.43 -1.95 2.84
CA GLY B 206 -4.25 -2.40 1.48
C GLY B 206 -3.21 -1.64 0.69
N GLY B 207 -2.80 -0.47 1.19
CA GLY B 207 -1.76 0.30 0.53
C GLY B 207 -0.36 -0.26 0.78
N PRO B 208 0.64 0.31 0.10
CA PRO B 208 2.00 -0.25 0.05
C PRO B 208 2.94 0.27 1.12
N PHE B 209 3.81 -0.62 1.60
CA PHE B 209 4.98 -0.27 2.38
C PHE B 209 6.14 -0.49 1.44
N VAL B 210 6.81 0.59 1.05
CA VAL B 210 7.86 0.47 0.04
C VAL B 210 9.25 0.84 0.58
N MET B 211 10.28 0.34 -0.08
CA MET B 211 11.66 0.64 0.27
C MET B 211 12.42 0.93 -1.03
N LYS B 212 13.36 1.86 -0.97
CA LYS B 212 14.14 2.19 -2.16
C LYS B 212 15.47 1.47 -2.09
N SER B 213 15.68 0.51 -2.98
CA SER B 213 16.92 -0.26 -2.93
C SER B 213 18.14 0.64 -3.15
N PRO B 214 19.12 0.57 -2.23
CA PRO B 214 20.34 1.36 -2.42
C PRO B 214 21.27 0.70 -3.44
N PHE B 215 20.91 -0.51 -3.89
CA PHE B 215 21.71 -1.23 -4.88
C PHE B 215 21.36 -0.83 -6.30
N ASN B 216 20.08 -0.65 -6.60
CA ASN B 216 19.71 -0.28 -7.97
C ASN B 216 18.80 0.94 -8.06
N ASN B 217 18.61 1.62 -6.93
CA ASN B 217 17.82 2.85 -6.86
C ASN B 217 16.37 2.71 -7.34
N ARG B 218 15.80 1.51 -7.19
CA ARG B 218 14.42 1.26 -7.55
C ARG B 218 13.57 1.03 -6.32
N TRP B 219 12.30 1.46 -6.39
CA TRP B 219 11.36 1.20 -5.31
C TRP B 219 10.73 -0.18 -5.39
N TYR B 220 10.73 -0.86 -4.25
CA TYR B 220 10.16 -2.20 -4.10
C TYR B 220 9.06 -2.18 -3.06
N GLN B 221 7.98 -2.89 -3.33
CA GLN B 221 6.93 -3.03 -2.31
C GLN B 221 7.16 -4.24 -1.43
N MET B 222 7.55 -3.96 -0.20
CA MET B 222 7.87 -5.04 0.72
C MET B 222 6.66 -5.47 1.54
N GLY B 223 5.72 -4.56 1.76
CA GLY B 223 4.60 -4.87 2.65
C GLY B 223 3.31 -4.29 2.12
N ILE B 224 2.21 -4.80 2.70
CA ILE B 224 0.87 -4.28 2.49
C ILE B 224 0.29 -3.91 3.86
N VAL B 225 -0.28 -2.71 3.99
CA VAL B 225 -0.91 -2.33 5.26
C VAL B 225 -2.01 -3.32 5.60
N SER B 226 -1.84 -4.02 6.72
CA SER B 226 -2.72 -5.13 7.06
C SER B 226 -3.52 -4.93 8.34
N TRP B 227 -2.85 -4.79 9.48
CA TRP B 227 -3.59 -4.67 10.74
C TRP B 227 -2.81 -3.95 11.82
N GLY B 228 -3.52 -3.56 12.88
CA GLY B 228 -2.91 -2.87 13.99
C GLY B 228 -3.92 -2.83 15.12
N GLU B 229 -3.53 -2.24 16.25
CA GLU B 229 -4.48 -2.05 17.32
C GLU B 229 -4.50 -0.57 17.64
N GLY B 230 -5.55 0.09 17.18
CA GLY B 230 -5.57 1.54 17.17
C GLY B 230 -4.65 2.07 16.09
N CYS B 231 -4.28 3.34 16.21
CA CYS B 231 -3.38 3.98 15.27
C CYS B 231 -2.40 4.84 16.05
N ASP B 232 -1.11 4.60 15.82
CA ASP B 232 -0.04 5.38 16.42
C ASP B 232 -0.09 5.35 17.93
N ARG B 233 -0.46 4.22 18.51
CA ARG B 233 -0.42 4.07 19.95
C ARG B 233 1.00 3.75 20.41
N ASP B 234 1.39 4.33 21.54
CA ASP B 234 2.69 3.99 22.13
C ASP B 234 2.71 2.50 22.43
N GLY B 235 3.77 1.82 22.00
CA GLY B 235 3.98 0.43 22.34
C GLY B 235 3.26 -0.52 21.41
N LYS B 236 2.53 0.02 20.46
CA LYS B 236 1.92 -0.77 19.39
C LYS B 236 2.65 -0.49 18.08
N TYR B 237 2.48 -1.38 17.11
CA TYR B 237 3.13 -1.28 15.83
C TYR B 237 2.16 -1.67 14.73
N GLY B 238 2.36 -1.12 13.55
CA GLY B 238 1.57 -1.53 12.41
C GLY B 238 2.10 -2.85 11.86
N PHE B 239 1.19 -3.71 11.43
CA PHE B 239 1.56 -4.99 10.84
C PHE B 239 1.26 -5.03 9.35
N TYR B 240 2.20 -5.59 8.62
CA TYR B 240 2.22 -5.55 7.17
C TYR B 240 2.33 -6.94 6.58
N THR B 241 1.56 -7.22 5.53
CA THR B 241 1.73 -8.49 4.81
C THR B 241 3.12 -8.56 4.19
N HIS B 242 3.81 -9.68 4.39
CA HIS B 242 5.17 -9.88 3.88
C HIS B 242 5.09 -10.28 2.41
N VAL B 243 5.24 -9.31 1.52
CA VAL B 243 4.97 -9.53 0.11
C VAL B 243 5.89 -10.60 -0.49
N PHE B 244 7.17 -10.56 -0.15
CA PHE B 244 8.06 -11.59 -0.71
C PHE B 244 7.66 -13.02 -0.33
N ARG B 245 7.27 -13.23 0.93
CA ARG B 245 6.88 -14.57 1.36
C ARG B 245 5.70 -15.12 0.56
N LEU B 246 4.89 -14.22 -0.02
CA LEU B 246 3.70 -14.65 -0.74
C LEU B 246 3.86 -14.47 -2.26
N LYS B 247 5.08 -14.19 -2.70
CA LYS B 247 5.28 -13.87 -4.10
C LYS B 247 5.04 -15.06 -5.04
N LYS B 248 5.26 -16.27 -4.55
CA LYS B 248 5.03 -17.44 -5.38
C LYS B 248 3.55 -17.53 -5.76
N TRP B 249 2.68 -17.16 -4.83
CA TRP B 249 1.25 -17.12 -5.13
C TRP B 249 0.93 -16.02 -6.13
N ILE B 250 1.50 -14.83 -5.91
CA ILE B 250 1.32 -13.72 -6.84
C ILE B 250 1.69 -14.15 -8.25
N GLN B 251 2.87 -14.75 -8.39
CA GLN B 251 3.39 -15.17 -9.68
C GLN B 251 2.48 -16.22 -10.33
N LYS B 252 1.95 -17.13 -9.52
CA LYS B 252 1.09 -18.19 -10.03
C LYS B 252 -0.21 -17.62 -10.59
N VAL B 253 -0.78 -16.63 -9.91
CA VAL B 253 -2.01 -16.00 -10.37
C VAL B 253 -1.77 -15.27 -11.68
N ILE B 254 -0.70 -14.47 -11.72
CA ILE B 254 -0.42 -13.69 -12.90
C ILE B 254 -0.09 -14.58 -14.10
N ASP B 255 0.67 -15.64 -13.87
CA ASP B 255 1.04 -16.57 -14.93
C ASP B 255 -0.18 -17.29 -15.49
N GLN B 256 -1.11 -17.65 -14.62
CA GLN B 256 -2.27 -18.43 -14.99
C GLN B 256 -3.38 -17.59 -15.63
N PHE B 257 -3.53 -16.36 -15.17
CA PHE B 257 -4.67 -15.54 -15.56
C PHE B 257 -4.27 -14.25 -16.27
N GLY B 258 -2.97 -14.05 -16.43
CA GLY B 258 -2.47 -12.85 -17.09
C GLY B 258 -2.46 -12.95 -18.59
N ASP C 3 -18.50 15.39 0.51
CA ASP C 3 -17.39 14.46 0.66
C ASP C 3 -16.60 14.29 -0.63
N PHE C 4 -16.97 13.30 -1.43
CA PHE C 4 -16.28 13.03 -2.69
C PHE C 4 -16.94 13.70 -3.90
N GLU C 5 -16.13 14.31 -4.76
CA GLU C 5 -16.64 14.88 -6.00
C GLU C 5 -17.13 13.76 -6.89
N GLU C 6 -18.28 13.95 -7.52
CA GLU C 6 -18.85 12.95 -8.42
C GLU C 6 -17.86 12.62 -9.53
N ILE C 7 -17.76 11.35 -9.87
CA ILE C 7 -16.91 10.92 -10.98
C ILE C 7 -17.76 10.78 -12.24
N PRO C 8 -17.12 10.92 -13.41
CA PRO C 8 -17.86 10.82 -14.68
C PRO C 8 -18.75 9.58 -14.75
N GLU C 9 -19.95 9.74 -15.29
CA GLU C 9 -20.94 8.67 -15.33
C GLU C 9 -20.44 7.42 -16.07
N GLU C 10 -19.58 7.62 -17.06
CA GLU C 10 -19.06 6.52 -17.85
C GLU C 10 -18.45 5.42 -17.00
N TYS C 11 -17.89 5.79 -15.85
CA TYS C 11 -17.23 4.81 -14.99
CB TYS C 11 -16.13 5.47 -14.15
CG TYS C 11 -15.13 6.20 -14.94
CD1 TYS C 11 -14.30 5.52 -15.79
CD2 TYS C 11 -15.04 7.62 -14.81
CE1 TYS C 11 -13.34 6.24 -16.56
CE2 TYS C 11 -14.11 8.32 -15.57
CZ TYS C 11 -13.26 7.65 -16.43
OH TYS C 11 -12.32 8.38 -17.18
S TYS C 11 -10.93 8.56 -16.68
O1 TYS C 11 -10.22 7.21 -16.67
O2 TYS C 11 -10.29 9.43 -17.59
O3 TYS C 11 -10.93 9.15 -15.34
C TYS C 11 -18.17 4.08 -14.09
O TYS C 11 -17.78 3.09 -13.44
N LEU C 12 -19.42 4.54 -14.02
CA LEU C 12 -20.42 3.91 -13.18
C LEU C 12 -21.37 3.04 -14.01
N GLN C 13 -21.14 3.00 -15.31
CA GLN C 13 -22.00 2.24 -16.22
C GLN C 13 -21.75 0.74 -16.11
C1 NAG D . -18.00 -14.30 -0.59
C2 NAG D . -18.48 -15.61 0.04
C3 NAG D . -18.35 -16.76 -0.88
C4 NAG D . -19.04 -16.48 -2.12
C5 NAG D . -18.45 -15.28 -2.77
C6 NAG D . -19.15 -14.99 -4.00
C7 NAG D . -16.38 -16.21 1.48
C8 NAG D . -15.45 -16.33 0.33
N2 NAG D . -17.81 -15.86 1.32
O3 NAG D . -18.91 -17.93 -0.28
O4 NAG D . -19.03 -17.61 -2.99
O5 NAG D . -18.54 -14.08 -1.87
O6 NAG D . -20.38 -14.34 -3.91
O7 NAG D . -15.93 -16.39 2.60
NA NA E . 2.44 -11.53 22.38
NA NA F . 3.14 2.91 17.96
C1 GOL G . -7.63 1.03 12.35
O1 GOL G . -8.30 2.18 11.98
C2 GOL G . -7.62 0.77 13.81
O2 GOL G . -8.77 1.24 14.41
C3 GOL G . -7.29 -0.64 14.19
O3 GOL G . -7.61 -1.02 15.49
P PO4 H . -3.08 -20.40 9.52
O1 PO4 H . -3.84 -21.09 10.64
O2 PO4 H . -1.80 -21.15 9.18
O3 PO4 H . -2.76 -18.99 9.94
O4 PO4 H . -3.94 -20.34 8.28
N10 B03 I . -7.74 -3.95 15.00
C8 B03 I . -7.87 -5.18 14.24
C9 B03 I . -7.46 -4.90 12.82
O12 B03 I . -6.43 -4.27 12.60
C7 B03 I . -6.94 -6.22 14.89
C4 B03 I . -7.12 -7.58 14.25
C3 B03 I . -8.34 -8.26 14.32
C5 B03 I . -6.07 -8.15 13.57
C2 B03 I . -8.48 -9.51 13.72
C6 B03 I . -6.21 -9.38 12.96
C1 B03 I . -7.42 -10.07 13.03
N11 B03 I . -8.24 -5.34 11.85
C13 B03 I . -7.86 -5.08 10.47
C17 B03 I . -7.78 -3.60 10.21
C17 B03 I . -7.83 -3.61 10.18
O28 B03 I . -8.71 -2.88 10.53
O28 B03 I . -8.54 -2.82 10.77
C15 B03 I . -8.98 -5.68 9.63
C16 B03 I . -9.77 -6.59 10.55
C14 B03 I . -9.50 -6.10 11.98
N18 B03 I . -6.67 -3.11 9.66
N18 B03 I . -6.97 -3.23 9.24
C19 B03 I . -6.44 -1.70 9.32
C19 B03 I . -6.83 -1.86 8.79
C20 B03 I . -5.18 -1.15 9.97
C20 B03 I . -5.79 -1.08 9.54
C22 B03 I . -3.92 -1.56 9.55
C22 B03 I . -5.41 -1.44 10.82
C23 B03 I . -2.79 -1.03 10.16
C23 B03 I . -4.46 -0.68 11.48
C24 B03 I . -2.94 -0.08 11.16
C24 B03 I . -3.90 0.41 10.83
C25 B03 I . -4.22 0.32 11.53
C25 B03 I . -4.32 0.73 9.54
N21 B03 I . -5.29 -0.21 10.94
N21 B03 I . -5.24 -0.01 8.92
#